data_8J1O
#
_entry.id   8J1O
#
_cell.length_a   63.088
_cell.length_b   63.088
_cell.length_c   163.681
_cell.angle_alpha   90.00
_cell.angle_beta   90.00
_cell.angle_gamma   90.00
#
_symmetry.space_group_name_H-M   'P 43 21 2'
#
loop_
_entity.id
_entity.type
_entity.pdbx_description
1 polymer 'Haloalkane dehalogenase'
2 non-polymer N-[[1-[2-[2-(2-hexoxyethoxy)ethoxy]ethyl]-1,2,3-triazol-4-yl]methyl]-1-(1H-1,2,3-triazol-4-yl)-N-(2H-1,2,3-triazol-4-ylmethyl)methanamine
3 non-polymer 'CHLORIDE ION'
4 non-polymer 'SULFATE ION'
5 water water
#
_entity_poly.entity_id   1
_entity_poly.type   'polypeptide(L)'
_entity_poly.pdbx_seq_one_letter_code
;IGTGFPFDPHYVEVLGERMHYVDVGPRDGTPVLFLHGNPTSSYVWRNIIPHVAPTHRCIAPDLIGMGKSDKPDLGYFFDD
HVRFMDAFIEALGLEEVVLVIHDWGSALGFHWAKRNPERVKGIAFMEFIRPIPTWDEWPEFARETFQAFRTTDVGRKLII
DQNVFIEGTLPCGVVRPLTEVEMDHYREPFLNPVDREPLWRFPNELPIAGEPANIVALVEEYMDWLHQSPVPKLLFWGTP
GVLIPPAEAARLAKSLPNCKAVDIGPGLNLLQEDNPDLIGSEIARWLSTLEISG
;
_entity_poly.pdbx_strand_id   A
#
loop_
_chem_comp.id
_chem_comp.type
_chem_comp.name
_chem_comp.formula
CL non-polymer 'CHLORIDE ION' 'Cl -1'
SO4 non-polymer 'SULFATE ION' 'O4 S -2'
TN9 non-polymer N-[[1-[2-[2-(2-hexoxyethoxy)ethoxy]ethyl]-1,2,3-triazol-4-yl]methyl]-1-(1H-1,2,3-triazol-4-yl)-N-(2H-1,2,3-triazol-4-ylmethyl)methanamine 'C21 H36 N10 O3'
#
# COMPACT_ATOMS: atom_id res chain seq x y z
N ILE A 1 0.35 -15.76 -14.04
CA ILE A 1 0.35 -14.39 -13.47
C ILE A 1 1.15 -13.43 -14.39
N GLY A 2 0.47 -12.40 -14.87
CA GLY A 2 1.07 -11.53 -15.89
C GLY A 2 2.28 -10.75 -15.35
N THR A 3 3.32 -10.66 -16.18
CA THR A 3 4.53 -9.91 -15.84
C THR A 3 4.57 -8.53 -16.50
N GLY A 4 3.72 -8.30 -17.50
CA GLY A 4 3.75 -7.05 -18.22
C GLY A 4 3.13 -5.90 -17.43
N PHE A 5 3.44 -4.69 -17.87
CA PHE A 5 2.87 -3.47 -17.29
C PHE A 5 2.34 -2.66 -18.47
N PRO A 6 1.13 -2.99 -18.98
CA PRO A 6 0.63 -2.41 -20.23
C PRO A 6 -0.21 -1.16 -19.99
N PHE A 7 0.36 -0.17 -19.30
CA PHE A 7 -0.37 1.03 -18.95
C PHE A 7 0.40 2.23 -19.44
N ASP A 8 -0.27 3.09 -20.20
CA ASP A 8 0.35 4.33 -20.63
C ASP A 8 0.72 5.19 -19.42
N PRO A 9 1.86 5.88 -19.46
CA PRO A 9 2.22 6.78 -18.35
C PRO A 9 1.40 8.06 -18.39
N HIS A 10 0.93 8.48 -17.22
CA HIS A 10 0.35 9.80 -17.05
C HIS A 10 1.16 10.49 -15.97
N TYR A 11 1.30 11.80 -16.11
CA TYR A 11 2.09 12.61 -15.19
C TYR A 11 1.28 13.82 -14.77
N VAL A 12 1.46 14.25 -13.53
CA VAL A 12 0.84 15.47 -13.03
C VAL A 12 1.86 16.19 -12.16
N GLU A 13 1.89 17.52 -12.22
CA GLU A 13 2.81 18.24 -11.34
C GLU A 13 2.18 18.43 -9.97
N VAL A 14 2.98 18.18 -8.94
CA VAL A 14 2.55 18.12 -7.54
C VAL A 14 3.65 18.81 -6.71
N LEU A 15 3.35 20.00 -6.17
CA LEU A 15 4.27 20.71 -5.28
C LEU A 15 5.65 20.90 -5.90
N GLY A 16 5.68 21.19 -7.20
CA GLY A 16 6.92 21.41 -7.89
C GLY A 16 7.62 20.16 -8.38
N GLU A 17 7.05 18.98 -8.14
CA GLU A 17 7.63 17.74 -8.65
C GLU A 17 6.65 17.13 -9.63
N ARG A 18 7.08 16.07 -10.31
CA ARG A 18 6.20 15.33 -11.20
C ARG A 18 5.94 13.96 -10.61
N MET A 19 4.67 13.56 -10.56
CA MET A 19 4.34 12.21 -10.15
C MET A 19 3.71 11.45 -11.32
N HIS A 20 4.02 10.15 -11.40
CA HIS A 20 3.48 9.25 -12.42
C HIS A 20 2.27 8.51 -11.86
N TYR A 21 1.29 8.25 -12.73
CA TYR A 21 0.15 7.39 -12.34
C TYR A 21 -0.42 6.64 -13.53
N VAL A 22 -0.93 5.44 -13.25
CA VAL A 22 -1.84 4.72 -14.16
C VAL A 22 -3.21 5.38 -14.10
N ASP A 23 -3.85 5.53 -15.27
CA ASP A 23 -5.23 6.05 -15.33
C ASP A 23 -5.98 5.31 -16.45
N VAL A 24 -6.81 4.32 -16.09
CA VAL A 24 -7.60 3.57 -17.07
C VAL A 24 -9.05 3.50 -16.62
N GLY A 25 -9.90 2.94 -17.46
CA GLY A 25 -11.29 2.80 -17.13
C GLY A 25 -12.11 4.00 -17.57
N PRO A 26 -13.43 3.95 -17.34
CA PRO A 26 -14.30 5.05 -17.77
C PRO A 26 -14.00 6.34 -17.03
N ARG A 27 -14.36 7.47 -17.67
CA ARG A 27 -14.05 8.78 -17.09
C ARG A 27 -15.03 9.20 -16.02
N ASP A 28 -16.24 8.65 -16.02
CA ASP A 28 -17.26 9.06 -15.08
C ASP A 28 -17.32 8.10 -13.88
N GLY A 29 -18.24 8.38 -12.96
CA GLY A 29 -18.42 7.52 -11.80
C GLY A 29 -17.37 7.78 -10.73
N THR A 30 -17.46 6.99 -9.67
CA THR A 30 -16.50 7.12 -8.58
C THR A 30 -15.19 6.45 -8.96
N PRO A 31 -14.07 7.14 -8.90
CA PRO A 31 -12.80 6.49 -9.23
C PRO A 31 -12.30 5.64 -8.08
N VAL A 32 -11.51 4.64 -8.43
CA VAL A 32 -10.88 3.73 -7.50
C VAL A 32 -9.39 4.08 -7.43
N LEU A 33 -8.93 4.52 -6.28
CA LEU A 33 -7.54 4.97 -6.12
C LEU A 33 -6.72 3.86 -5.46
N PHE A 34 -5.69 3.36 -6.17
CA PHE A 34 -4.84 2.25 -5.68
C PHE A 34 -3.52 2.80 -5.15
N LEU A 35 -3.23 2.53 -3.87
CA LEU A 35 -2.03 3.05 -3.21
C LEU A 35 -1.10 1.91 -2.83
N HIS A 36 0.10 1.90 -3.43
CA HIS A 36 1.11 0.88 -3.16
C HIS A 36 1.93 1.30 -1.93
N GLY A 37 2.80 0.39 -1.47
CA GLY A 37 3.67 0.66 -0.33
C GLY A 37 5.14 0.38 -0.64
N ASN A 38 5.85 -0.13 0.39
CA ASN A 38 7.30 -0.33 0.33
C ASN A 38 7.62 -1.80 0.05
N PRO A 39 8.50 -2.13 -0.90
CA PRO A 39 9.26 -1.27 -1.83
C PRO A 39 8.69 -1.34 -3.25
N THR A 40 7.38 -1.21 -3.42
CA THR A 40 6.76 -1.47 -4.71
C THR A 40 6.45 -0.16 -5.45
N SER A 41 5.50 -0.24 -6.39
CA SER A 41 5.07 0.89 -7.22
C SER A 41 3.70 0.47 -7.74
N SER A 42 3.13 1.26 -8.66
CA SER A 42 1.88 0.86 -9.30
C SER A 42 1.99 -0.52 -9.99
N TYR A 43 3.22 -0.97 -10.27
CA TYR A 43 3.43 -2.33 -10.80
C TYR A 43 2.72 -3.40 -9.97
N VAL A 44 2.66 -3.23 -8.65
CA VAL A 44 2.03 -4.25 -7.79
C VAL A 44 0.54 -4.45 -8.08
N TRP A 45 -0.10 -3.46 -8.71
CA TRP A 45 -1.52 -3.49 -9.00
C TRP A 45 -1.83 -3.97 -10.42
N ARG A 46 -0.79 -4.31 -11.20
CA ARG A 46 -0.93 -4.53 -12.64
C ARG A 46 -1.95 -5.63 -12.98
N ASN A 47 -2.11 -6.64 -12.12
CA ASN A 47 -3.00 -7.76 -12.44
C ASN A 47 -4.30 -7.69 -11.66
N ILE A 48 -4.48 -6.65 -10.88
CA ILE A 48 -5.72 -6.39 -10.17
C ILE A 48 -6.58 -5.37 -10.90
N ILE A 49 -5.95 -4.30 -11.39
CA ILE A 49 -6.62 -3.23 -12.12
C ILE A 49 -7.47 -3.76 -13.28
N PRO A 50 -7.00 -4.72 -14.09
CA PRO A 50 -7.85 -5.16 -15.22
C PRO A 50 -9.20 -5.75 -14.79
N HIS A 51 -9.32 -6.25 -13.57
CA HIS A 51 -10.65 -6.73 -13.12
C HIS A 51 -11.59 -5.59 -12.84
N VAL A 52 -11.08 -4.40 -12.54
CA VAL A 52 -11.88 -3.27 -12.08
C VAL A 52 -12.12 -2.26 -13.19
N ALA A 53 -11.14 -2.05 -14.09
CA ALA A 53 -11.22 -1.10 -15.19
C ALA A 53 -12.47 -1.18 -16.08
N PRO A 54 -13.11 -2.36 -16.29
CA PRO A 54 -14.32 -2.35 -17.15
C PRO A 54 -15.42 -1.47 -16.61
N THR A 55 -15.54 -1.36 -15.28
CA THR A 55 -16.64 -0.63 -14.67
C THR A 55 -16.21 0.65 -13.95
N HIS A 56 -14.92 0.83 -13.63
CA HIS A 56 -14.51 1.95 -12.81
C HIS A 56 -13.23 2.55 -13.35
N ARG A 57 -13.12 3.89 -13.23
CA ARG A 57 -11.84 4.55 -13.39
C ARG A 57 -10.85 4.05 -12.32
N CYS A 58 -9.66 3.65 -12.77
CA CYS A 58 -8.60 3.14 -11.90
C CYS A 58 -7.43 4.11 -11.98
N ILE A 59 -7.01 4.64 -10.82
CA ILE A 59 -5.91 5.61 -10.70
C ILE A 59 -4.86 4.99 -9.77
N ALA A 60 -3.62 4.87 -10.23
CA ALA A 60 -2.61 4.16 -9.44
C ALA A 60 -1.33 4.98 -9.52
N PRO A 61 -1.15 5.92 -8.60
CA PRO A 61 0.08 6.72 -8.57
C PRO A 61 1.26 5.94 -8.04
N ASP A 62 2.43 6.34 -8.50
CA ASP A 62 3.69 5.99 -7.85
C ASP A 62 4.00 7.05 -6.79
N LEU A 63 4.15 6.61 -5.53
CA LEU A 63 4.55 7.51 -4.45
C LEU A 63 5.77 8.34 -4.85
N ILE A 64 5.86 9.57 -4.30
CA ILE A 64 7.03 10.42 -4.58
C ILE A 64 8.31 9.65 -4.22
N GLY A 65 9.33 9.75 -5.07
CA GLY A 65 10.56 9.01 -4.83
C GLY A 65 10.54 7.55 -5.27
N MET A 66 9.40 7.06 -5.79
CA MET A 66 9.28 5.66 -6.18
C MET A 66 8.72 5.55 -7.60
N GLY A 67 8.79 4.33 -8.15
CA GLY A 67 8.19 4.06 -9.45
C GLY A 67 8.78 4.99 -10.50
N LYS A 68 7.91 5.58 -11.32
CA LYS A 68 8.30 6.56 -12.32
C LYS A 68 8.09 8.00 -11.83
N SER A 69 7.75 8.20 -10.56
CA SER A 69 7.62 9.55 -10.03
C SER A 69 9.00 10.17 -9.79
N ASP A 70 9.02 11.50 -9.69
CA ASP A 70 10.29 12.20 -9.47
C ASP A 70 10.93 11.81 -8.14
N LYS A 71 12.22 12.13 -8.02
CA LYS A 71 13.02 11.75 -6.86
C LYS A 71 13.74 12.96 -6.27
N PRO A 72 13.02 13.89 -5.65
CA PRO A 72 13.70 15.01 -4.99
C PRO A 72 14.54 14.55 -3.80
N ASP A 73 15.43 15.45 -3.38
CA ASP A 73 16.33 15.18 -2.27
C ASP A 73 15.62 15.38 -0.93
N LEU A 74 14.65 14.50 -0.66
CA LEU A 74 13.86 14.51 0.58
C LEU A 74 14.39 13.46 1.55
N GLY A 75 13.93 13.56 2.80
CA GLY A 75 14.07 12.43 3.72
C GLY A 75 13.07 11.32 3.50
N TYR A 76 11.97 11.60 2.78
CA TYR A 76 10.88 10.63 2.54
C TYR A 76 10.30 10.09 3.84
N PHE A 77 10.14 10.98 4.82
CA PHE A 77 9.30 10.69 5.98
C PHE A 77 7.87 10.41 5.54
N PHE A 78 7.13 9.72 6.40
CA PHE A 78 5.70 9.56 6.17
C PHE A 78 5.02 10.92 5.92
N ASP A 79 5.40 11.96 6.70
CA ASP A 79 4.91 13.33 6.49
C ASP A 79 5.06 13.77 5.04
N ASP A 80 6.22 13.49 4.44
CA ASP A 80 6.45 13.89 3.05
C ASP A 80 5.49 13.16 2.11
N HIS A 81 5.30 11.85 2.32
CA HIS A 81 4.36 11.13 1.46
C HIS A 81 2.95 11.65 1.62
N VAL A 82 2.55 11.97 2.87
CA VAL A 82 1.24 12.56 3.11
C VAL A 82 1.07 13.84 2.29
N ARG A 83 2.07 14.73 2.35
CA ARG A 83 2.00 16.01 1.66
C ARG A 83 1.80 15.80 0.17
N PHE A 84 2.61 14.94 -0.43
CA PHE A 84 2.53 14.73 -1.87
C PHE A 84 1.26 14.00 -2.27
N MET A 85 0.84 12.99 -1.49
CA MET A 85 -0.40 12.28 -1.85
C MET A 85 -1.62 13.18 -1.72
N ASP A 86 -1.67 14.00 -0.66
CA ASP A 86 -2.74 15.00 -0.52
C ASP A 86 -2.81 15.87 -1.76
N ALA A 87 -1.66 16.38 -2.19
CA ALA A 87 -1.62 17.30 -3.32
C ALA A 87 -1.88 16.57 -4.63
N PHE A 88 -1.49 15.29 -4.73
CA PHE A 88 -1.79 14.50 -5.91
C PHE A 88 -3.31 14.37 -6.10
N ILE A 89 -4.01 14.03 -5.02
CA ILE A 89 -5.47 13.85 -5.08
C ILE A 89 -6.16 15.15 -5.50
N GLU A 90 -5.71 16.29 -4.97
CA GLU A 90 -6.31 17.55 -5.35
C GLU A 90 -5.93 17.96 -6.77
N ALA A 91 -4.71 17.61 -7.20
CA ALA A 91 -4.28 17.98 -8.56
C ALA A 91 -5.11 17.28 -9.63
N LEU A 92 -5.52 16.03 -9.39
CA LEU A 92 -6.45 15.34 -10.28
C LEU A 92 -7.90 15.76 -10.08
N GLY A 93 -8.20 16.58 -9.07
CA GLY A 93 -9.55 17.06 -8.86
C GLY A 93 -10.51 15.98 -8.43
N LEU A 94 -10.03 14.96 -7.72
CA LEU A 94 -10.92 13.90 -7.25
C LEU A 94 -11.84 14.43 -6.15
N GLU A 95 -13.08 13.91 -6.14
CA GLU A 95 -14.09 14.34 -5.19
C GLU A 95 -14.31 13.19 -4.24
N GLU A 96 -15.27 12.30 -4.48
CA GLU A 96 -15.36 11.04 -3.75
C GLU A 96 -14.51 9.97 -4.41
N VAL A 97 -14.00 9.03 -3.61
CA VAL A 97 -13.17 7.94 -4.11
C VAL A 97 -13.52 6.66 -3.38
N VAL A 98 -13.16 5.53 -4.00
CA VAL A 98 -12.98 4.26 -3.28
C VAL A 98 -11.48 4.02 -3.19
N LEU A 99 -11.01 3.63 -2.00
CA LEU A 99 -9.59 3.37 -1.76
C LEU A 99 -9.29 1.87 -1.83
N VAL A 100 -8.21 1.50 -2.53
CA VAL A 100 -7.66 0.14 -2.54
C VAL A 100 -6.20 0.29 -2.10
N ILE A 101 -5.87 -0.19 -0.91
CA ILE A 101 -4.61 0.24 -0.29
C ILE A 101 -3.86 -0.92 0.35
N HIS A 102 -2.53 -0.77 0.41
CA HIS A 102 -1.62 -1.83 0.85
C HIS A 102 -0.39 -1.24 1.57
N ASP A 103 -0.02 -1.80 2.72
CA ASP A 103 1.30 -1.49 3.41
C ASP A 103 1.35 0.01 3.70
N TRP A 104 2.41 0.74 3.31
CA TRP A 104 2.45 2.19 3.55
C TRP A 104 1.38 2.93 2.76
N GLY A 105 0.90 2.34 1.65
CA GLY A 105 -0.26 2.88 0.97
C GLY A 105 -1.50 2.86 1.85
N SER A 106 -1.62 1.88 2.72
CA SER A 106 -2.77 1.87 3.62
C SER A 106 -2.65 2.96 4.70
N ALA A 107 -1.42 3.22 5.19
CA ALA A 107 -1.28 4.31 6.15
C ALA A 107 -1.66 5.64 5.52
N LEU A 108 -1.24 5.87 4.28
CA LEU A 108 -1.67 7.06 3.54
C LEU A 108 -3.19 7.09 3.35
N GLY A 109 -3.77 5.97 2.93
CA GLY A 109 -5.19 5.96 2.62
C GLY A 109 -6.07 6.13 3.85
N PHE A 110 -5.74 5.42 4.95
CA PHE A 110 -6.52 5.56 6.19
C PHE A 110 -6.36 6.97 6.77
N HIS A 111 -5.15 7.51 6.72
CA HIS A 111 -4.94 8.85 7.27
C HIS A 111 -5.70 9.88 6.45
N TRP A 112 -5.74 9.70 5.12
CA TRP A 112 -6.52 10.60 4.28
C TRP A 112 -8.02 10.44 4.55
N ALA A 113 -8.49 9.20 4.67
CA ALA A 113 -9.91 8.95 4.94
C ALA A 113 -10.33 9.60 6.26
N LYS A 114 -9.55 9.39 7.33
CA LYS A 114 -9.88 10.01 8.61
C LYS A 114 -10.10 11.51 8.46
N ARG A 115 -9.29 12.17 7.63
CA ARG A 115 -9.38 13.62 7.48
C ARG A 115 -10.41 14.05 6.44
N ASN A 116 -10.87 13.12 5.59
CA ASN A 116 -11.82 13.43 4.51
C ASN A 116 -12.95 12.41 4.49
N PRO A 117 -13.61 12.17 5.63
CA PRO A 117 -14.49 10.99 5.72
C PRO A 117 -15.67 11.02 4.76
N GLU A 118 -16.17 12.21 4.42
CA GLU A 118 -17.27 12.36 3.48
C GLU A 118 -16.89 12.01 2.04
N ARG A 119 -15.60 11.85 1.73
CA ARG A 119 -15.19 11.60 0.36
C ARG A 119 -14.81 10.14 0.11
N VAL A 120 -14.84 9.29 1.12
CA VAL A 120 -14.47 7.89 0.96
C VAL A 120 -15.73 7.04 0.95
N LYS A 121 -16.00 6.39 -0.19
CA LYS A 121 -17.19 5.57 -0.36
C LYS A 121 -16.94 4.09 -0.05
N GLY A 122 -15.68 3.69 0.08
CA GLY A 122 -15.34 2.34 0.51
C GLY A 122 -13.84 2.21 0.57
N ILE A 123 -13.38 1.24 1.37
CA ILE A 123 -11.95 0.97 1.52
C ILE A 123 -11.72 -0.53 1.42
N ALA A 124 -10.93 -0.95 0.42
CA ALA A 124 -10.40 -2.30 0.34
C ALA A 124 -8.94 -2.22 0.78
N PHE A 125 -8.54 -3.11 1.67
CA PHE A 125 -7.20 -3.01 2.24
C PHE A 125 -6.66 -4.41 2.53
N MET A 126 -5.34 -4.49 2.71
CA MET A 126 -4.62 -5.74 2.84
C MET A 126 -3.24 -5.45 3.40
N GLU A 127 -2.76 -6.34 4.26
CA GLU A 127 -1.40 -6.25 4.80
C GLU A 127 -1.04 -4.79 5.11
N PHE A 128 -1.82 -4.22 6.03
CA PHE A 128 -1.85 -2.79 6.25
C PHE A 128 -1.13 -2.42 7.55
N ILE A 129 -0.83 -1.13 7.68
CA ILE A 129 -0.06 -0.69 8.83
C ILE A 129 -1.00 -0.45 10.00
N ARG A 130 -0.72 -1.11 11.12
CA ARG A 130 -1.38 -0.95 12.40
C ARG A 130 -0.28 -0.86 13.44
N PRO A 131 -0.60 -0.41 14.66
CA PRO A 131 0.44 -0.36 15.70
C PRO A 131 0.87 -1.78 16.07
N ILE A 132 2.18 -1.99 16.11
CA ILE A 132 2.77 -3.25 16.56
C ILE A 132 3.30 -3.02 17.97
N PRO A 133 2.56 -3.46 19.00
CA PRO A 133 2.88 -3.06 20.38
C PRO A 133 4.26 -3.47 20.87
N THR A 134 4.73 -4.68 20.54
CA THR A 134 6.05 -5.14 20.91
C THR A 134 6.65 -5.91 19.73
N TRP A 135 7.96 -6.15 19.82
CA TRP A 135 8.60 -6.90 18.75
C TRP A 135 8.11 -8.33 18.67
N ASP A 136 7.56 -8.87 19.76
CA ASP A 136 6.93 -10.19 19.72
C ASP A 136 5.75 -10.26 18.76
N GLU A 137 5.12 -9.12 18.46
CA GLU A 137 4.00 -9.08 17.55
C GLU A 137 4.43 -8.87 16.10
N TRP A 138 5.73 -8.85 15.84
CA TRP A 138 6.32 -8.88 14.51
C TRP A 138 6.73 -10.31 14.17
N PRO A 139 6.49 -10.77 12.93
CA PRO A 139 6.79 -12.17 12.58
C PRO A 139 8.23 -12.55 12.87
N GLU A 140 8.39 -13.69 13.56
CA GLU A 140 9.69 -14.05 14.10
C GLU A 140 10.75 -14.15 13.00
N PHE A 141 10.35 -14.66 11.82
CA PHE A 141 11.31 -14.81 10.73
C PHE A 141 11.83 -13.48 10.21
N ALA A 142 11.10 -12.37 10.42
CA ALA A 142 11.52 -11.06 9.93
C ALA A 142 12.03 -10.14 11.03
N ARG A 143 12.08 -10.61 12.27
CA ARG A 143 12.41 -9.75 13.41
C ARG A 143 13.84 -9.23 13.34
N GLU A 144 14.83 -10.12 13.19
CA GLU A 144 16.22 -9.67 13.22
C GLU A 144 16.53 -8.72 12.07
N THR A 145 15.94 -8.97 10.89
CA THR A 145 16.19 -8.14 9.72
C THR A 145 15.62 -6.74 9.92
N PHE A 146 14.36 -6.64 10.32
CA PHE A 146 13.76 -5.31 10.48
C PHE A 146 14.36 -4.57 11.66
N GLN A 147 14.81 -5.29 12.68
CA GLN A 147 15.53 -4.63 13.77
C GLN A 147 16.84 -4.03 13.26
N ALA A 148 17.54 -4.74 12.37
CA ALA A 148 18.75 -4.16 11.79
C ALA A 148 18.42 -3.03 10.82
N PHE A 149 17.29 -3.12 10.10
CA PHE A 149 16.89 -2.04 9.20
C PHE A 149 16.74 -0.73 9.96
N ARG A 150 16.29 -0.82 11.21
CA ARG A 150 15.98 0.34 12.04
C ARG A 150 17.19 0.79 12.84
N THR A 151 18.34 0.81 12.18
CA THR A 151 19.53 1.49 12.63
C THR A 151 20.04 2.39 11.51
N THR A 152 20.85 3.39 11.88
CA THR A 152 21.36 4.27 10.83
C THR A 152 22.55 3.65 10.11
N ASP A 153 23.53 3.14 10.86
CA ASP A 153 24.70 2.64 10.13
C ASP A 153 24.39 1.32 9.43
N VAL A 154 24.03 0.28 10.19
CA VAL A 154 23.77 -1.05 9.61
C VAL A 154 22.57 -1.02 8.65
N GLY A 155 21.47 -0.39 9.06
CA GLY A 155 20.27 -0.39 8.23
C GLY A 155 20.50 0.25 6.87
N ARG A 156 21.22 1.38 6.85
CA ARG A 156 21.52 2.05 5.59
C ARG A 156 22.52 1.25 4.76
N LYS A 157 23.47 0.60 5.39
CA LYS A 157 24.35 -0.29 4.63
C LYS A 157 23.55 -1.39 3.95
N LEU A 158 22.67 -2.06 4.69
CA LEU A 158 21.83 -3.11 4.11
C LEU A 158 20.93 -2.56 2.99
N ILE A 159 20.16 -1.52 3.27
CA ILE A 159 19.09 -1.14 2.37
C ILE A 159 19.60 -0.28 1.22
N ILE A 160 20.48 0.67 1.53
CA ILE A 160 20.95 1.57 0.48
C ILE A 160 22.17 1.02 -0.23
N ASP A 161 23.21 0.57 0.50
CA ASP A 161 24.41 0.10 -0.19
C ASP A 161 24.21 -1.28 -0.83
N GLN A 162 23.54 -2.18 -0.13
CA GLN A 162 23.38 -3.55 -0.62
C GLN A 162 22.02 -3.83 -1.24
N ASN A 163 21.11 -2.88 -1.23
CA ASN A 163 19.78 -3.03 -1.84
C ASN A 163 19.03 -4.25 -1.31
N VAL A 164 19.15 -4.51 0.00
CA VAL A 164 18.57 -5.74 0.55
C VAL A 164 17.03 -5.73 0.49
N PHE A 165 16.39 -4.55 0.64
CA PHE A 165 14.92 -4.51 0.63
C PHE A 165 14.36 -4.98 -0.71
N ILE A 166 15.06 -4.69 -1.81
CA ILE A 166 14.63 -5.11 -3.13
C ILE A 166 15.05 -6.56 -3.41
N GLU A 167 16.32 -6.87 -3.20
CA GLU A 167 16.86 -8.19 -3.55
C GLU A 167 16.49 -9.28 -2.56
N GLY A 168 16.20 -8.94 -1.30
CA GLY A 168 15.97 -9.96 -0.29
C GLY A 168 14.59 -9.93 0.31
N THR A 169 14.23 -8.78 0.87
CA THR A 169 12.97 -8.63 1.61
C THR A 169 11.77 -8.77 0.69
N LEU A 170 11.81 -8.09 -0.46
CA LEU A 170 10.71 -8.12 -1.41
C LEU A 170 10.36 -9.56 -1.83
N PRO A 171 11.29 -10.36 -2.38
CA PRO A 171 10.91 -11.74 -2.71
C PRO A 171 10.55 -12.56 -1.50
N CYS A 172 11.06 -12.20 -0.32
CA CYS A 172 10.64 -12.86 0.89
C CYS A 172 9.22 -12.46 1.33
N GLY A 173 8.62 -11.47 0.67
CA GLY A 173 7.25 -11.10 0.96
C GLY A 173 6.22 -11.74 0.04
N VAL A 174 6.63 -12.70 -0.79
CA VAL A 174 5.77 -13.40 -1.73
C VAL A 174 6.00 -14.90 -1.57
N VAL A 175 4.91 -15.68 -1.53
CA VAL A 175 5.09 -17.12 -1.39
C VAL A 175 5.63 -17.73 -2.68
N ARG A 176 5.04 -17.37 -3.82
CA ARG A 176 5.56 -17.86 -5.09
C ARG A 176 6.86 -17.16 -5.45
N PRO A 177 7.69 -17.78 -6.30
CA PRO A 177 8.93 -17.12 -6.74
C PRO A 177 8.62 -16.01 -7.74
N LEU A 178 9.17 -14.82 -7.50
CA LEU A 178 9.09 -13.77 -8.49
C LEU A 178 10.01 -14.10 -9.67
N THR A 179 9.55 -13.80 -10.88
CA THR A 179 10.38 -14.07 -12.05
C THR A 179 11.41 -12.96 -12.22
N GLU A 180 12.41 -13.21 -13.06
CA GLU A 180 13.45 -12.19 -13.31
C GLU A 180 12.85 -10.93 -13.95
N VAL A 181 11.87 -11.09 -14.85
CA VAL A 181 11.17 -9.95 -15.42
C VAL A 181 10.46 -9.14 -14.34
N GLU A 182 9.77 -9.82 -13.41
CA GLU A 182 9.11 -9.10 -12.32
C GLU A 182 10.12 -8.40 -11.41
N MET A 183 11.21 -9.10 -11.06
CA MET A 183 12.28 -8.48 -10.27
C MET A 183 12.84 -7.23 -10.96
N ASP A 184 13.04 -7.29 -12.27
CA ASP A 184 13.61 -6.12 -12.95
C ASP A 184 12.65 -4.94 -12.93
N HIS A 185 11.35 -5.19 -13.02
CA HIS A 185 10.38 -4.11 -12.86
C HIS A 185 10.46 -3.48 -11.48
N TYR A 186 10.57 -4.31 -10.43
CA TYR A 186 10.70 -3.75 -9.09
C TYR A 186 12.06 -3.08 -8.88
N ARG A 187 13.10 -3.58 -9.56
CA ARG A 187 14.44 -3.00 -9.44
C ARG A 187 14.57 -1.66 -10.14
N GLU A 188 13.84 -1.45 -11.23
CA GLU A 188 14.07 -0.31 -12.11
C GLU A 188 14.16 1.04 -11.40
N PRO A 189 13.26 1.42 -10.48
CA PRO A 189 13.35 2.76 -9.91
C PRO A 189 14.55 2.96 -8.99
N PHE A 190 15.26 1.90 -8.63
CA PHE A 190 16.28 1.98 -7.57
C PHE A 190 17.64 1.49 -8.06
N LEU A 191 17.86 1.47 -9.38
CA LEU A 191 19.17 1.06 -9.90
C LEU A 191 20.28 1.96 -9.38
N ASN A 192 19.99 3.24 -9.15
CA ASN A 192 20.98 4.17 -8.60
C ASN A 192 20.92 4.14 -7.08
N PRO A 193 22.01 3.75 -6.39
CA PRO A 193 21.94 3.61 -4.92
C PRO A 193 21.44 4.85 -4.19
N VAL A 194 21.83 6.05 -4.63
CA VAL A 194 21.36 7.27 -3.96
C VAL A 194 19.84 7.36 -3.93
N ASP A 195 19.15 6.71 -4.87
CA ASP A 195 17.68 6.85 -4.90
C ASP A 195 16.96 5.91 -3.92
N ARG A 196 17.67 5.20 -3.06
CA ARG A 196 17.03 4.20 -2.22
C ARG A 196 16.63 4.76 -0.86
N GLU A 197 16.76 6.06 -0.65
CA GLU A 197 16.33 6.70 0.60
C GLU A 197 14.95 6.28 1.07
N PRO A 198 13.88 6.31 0.25
CA PRO A 198 12.57 5.91 0.79
C PRO A 198 12.55 4.50 1.30
N LEU A 199 13.32 3.60 0.68
CA LEU A 199 13.33 2.20 1.08
C LEU A 199 13.84 2.03 2.49
N TRP A 200 14.74 2.92 2.94
CA TRP A 200 15.28 2.87 4.28
C TRP A 200 14.43 3.65 5.28
N ARG A 201 13.91 4.82 4.88
CA ARG A 201 13.13 5.60 5.84
C ARG A 201 11.84 4.87 6.22
N PHE A 202 11.21 4.18 5.26
CA PHE A 202 9.93 3.53 5.52
C PHE A 202 9.98 2.53 6.68
N PRO A 203 10.88 1.54 6.72
CA PRO A 203 10.89 0.66 7.91
C PRO A 203 11.25 1.39 9.21
N ASN A 204 11.97 2.52 9.13
CA ASN A 204 12.27 3.30 10.31
C ASN A 204 11.07 4.12 10.78
N GLU A 205 10.04 4.26 9.95
CA GLU A 205 8.78 4.87 10.33
C GLU A 205 7.77 3.87 10.89
N LEU A 206 8.03 2.57 10.76
CA LEU A 206 7.03 1.58 11.17
C LEU A 206 6.71 1.75 12.65
N PRO A 207 5.43 1.73 13.04
CA PRO A 207 5.05 1.94 14.46
C PRO A 207 5.23 0.65 15.26
N ILE A 208 6.45 0.41 15.74
CA ILE A 208 6.81 -0.83 16.41
C ILE A 208 7.34 -0.49 17.79
N ALA A 209 6.79 -1.16 18.81
CA ALA A 209 7.21 -1.00 20.20
C ALA A 209 7.23 0.47 20.61
N GLY A 210 6.23 1.22 20.15
CA GLY A 210 6.04 2.59 20.58
C GLY A 210 6.89 3.64 19.89
N GLU A 211 7.68 3.27 18.87
CA GLU A 211 8.56 4.20 18.16
C GLU A 211 8.46 3.99 16.66
N PRO A 212 8.54 5.06 15.86
CA PRO A 212 8.61 6.46 16.30
C PRO A 212 7.28 6.95 16.86
N ALA A 213 7.31 7.71 17.96
CA ALA A 213 6.08 8.03 18.69
C ALA A 213 5.11 8.86 17.85
N ASN A 214 5.60 9.68 16.92
CA ASN A 214 4.67 10.46 16.09
C ASN A 214 3.88 9.56 15.15
N ILE A 215 4.52 8.54 14.58
CA ILE A 215 3.80 7.63 13.68
C ILE A 215 2.82 6.76 14.47
N VAL A 216 3.24 6.27 15.65
CA VAL A 216 2.34 5.48 16.48
C VAL A 216 1.06 6.25 16.77
N ALA A 217 1.19 7.54 17.13
CA ALA A 217 0.00 8.33 17.45
C ALA A 217 -0.91 8.46 16.24
N LEU A 218 -0.32 8.75 15.07
CA LEU A 218 -1.11 8.94 13.86
C LEU A 218 -1.82 7.64 13.46
N VAL A 219 -1.14 6.51 13.61
CA VAL A 219 -1.74 5.23 13.21
C VAL A 219 -2.85 4.83 14.18
N GLU A 220 -2.62 5.01 15.49
CA GLU A 220 -3.68 4.84 16.48
C GLU A 220 -4.91 5.70 16.15
N GLU A 221 -4.71 6.96 15.76
CA GLU A 221 -5.86 7.80 15.47
C GLU A 221 -6.67 7.28 14.27
N TYR A 222 -6.00 6.80 13.21
CA TYR A 222 -6.85 6.35 12.10
C TYR A 222 -7.46 4.98 12.36
N MET A 223 -6.85 4.16 13.21
CA MET A 223 -7.50 2.91 13.60
C MET A 223 -8.70 3.18 14.48
N ASP A 224 -8.61 4.20 15.35
CA ASP A 224 -9.77 4.68 16.09
C ASP A 224 -10.89 5.14 15.16
N TRP A 225 -10.56 5.98 14.18
CA TRP A 225 -11.55 6.45 13.23
C TRP A 225 -12.17 5.28 12.47
N LEU A 226 -11.33 4.32 12.07
CA LEU A 226 -11.80 3.18 11.28
C LEU A 226 -12.81 2.34 12.06
N HIS A 227 -12.59 2.18 13.37
CA HIS A 227 -13.54 1.43 14.19
C HIS A 227 -14.84 2.18 14.41
N GLN A 228 -14.85 3.49 14.18
CA GLN A 228 -15.99 4.37 14.36
C GLN A 228 -16.79 4.56 13.09
N SER A 229 -16.23 4.21 11.93
CA SER A 229 -16.79 4.65 10.66
C SER A 229 -17.69 3.57 10.07
N PRO A 230 -18.84 3.99 9.55
CA PRO A 230 -19.73 3.05 8.85
C PRO A 230 -19.25 2.71 7.45
N VAL A 231 -18.09 3.22 7.02
CA VAL A 231 -17.72 3.10 5.60
C VAL A 231 -17.59 1.64 5.24
N PRO A 232 -18.06 1.20 4.06
CA PRO A 232 -17.89 -0.20 3.67
C PRO A 232 -16.42 -0.58 3.56
N LYS A 233 -16.09 -1.77 4.08
CA LYS A 233 -14.71 -2.20 4.22
C LYS A 233 -14.56 -3.60 3.66
N LEU A 234 -13.45 -3.83 2.98
CA LEU A 234 -13.10 -5.12 2.38
C LEU A 234 -11.67 -5.44 2.76
N LEU A 235 -11.47 -6.52 3.54
CA LEU A 235 -10.16 -6.86 4.09
C LEU A 235 -9.69 -8.17 3.46
N PHE A 236 -8.57 -8.14 2.74
CA PHE A 236 -7.94 -9.36 2.24
C PHE A 236 -6.81 -9.77 3.18
N TRP A 237 -6.71 -11.07 3.44
CA TRP A 237 -5.65 -11.58 4.31
C TRP A 237 -5.17 -12.93 3.79
N GLY A 238 -3.93 -13.26 4.15
CA GLY A 238 -3.32 -14.51 3.75
C GLY A 238 -2.68 -15.21 4.95
N THR A 239 -2.22 -16.44 4.72
CA THR A 239 -1.56 -17.21 5.78
C THR A 239 -0.12 -17.49 5.38
N PRO A 240 0.86 -17.15 6.24
CA PRO A 240 0.70 -16.56 7.57
C PRO A 240 0.57 -15.03 7.64
N GLY A 241 0.70 -14.32 6.51
CA GLY A 241 0.72 -12.86 6.55
C GLY A 241 2.05 -12.34 7.08
N VAL A 242 2.16 -11.02 7.21
CA VAL A 242 3.32 -10.40 7.85
C VAL A 242 2.84 -9.32 8.81
N LEU A 243 2.26 -8.24 8.25
CA LEU A 243 1.70 -7.17 9.06
C LEU A 243 0.42 -7.61 9.76
N ILE A 244 -0.36 -8.46 9.11
CA ILE A 244 -1.66 -8.87 9.64
C ILE A 244 -1.71 -10.40 9.69
N PRO A 245 -1.43 -11.02 10.83
CA PRO A 245 -1.62 -12.47 10.95
C PRO A 245 -3.10 -12.84 10.92
N PRO A 246 -3.42 -14.10 10.62
CA PRO A 246 -4.85 -14.49 10.48
C PRO A 246 -5.72 -14.20 11.70
N ALA A 247 -5.17 -14.34 12.91
CA ALA A 247 -5.96 -14.06 14.11
C ALA A 247 -6.33 -12.59 14.18
N GLU A 248 -5.43 -11.71 13.72
CA GLU A 248 -5.74 -10.28 13.74
C GLU A 248 -6.77 -9.93 12.67
N ALA A 249 -6.67 -10.52 11.48
CA ALA A 249 -7.70 -10.32 10.46
C ALA A 249 -9.06 -10.80 10.96
N ALA A 250 -9.09 -11.93 11.66
CA ALA A 250 -10.36 -12.42 12.20
C ALA A 250 -10.93 -11.44 13.22
N ARG A 251 -10.09 -10.88 14.08
CA ARG A 251 -10.53 -9.88 15.05
C ARG A 251 -11.04 -8.61 14.36
N LEU A 252 -10.29 -8.10 13.37
CA LEU A 252 -10.72 -6.87 12.70
C LEU A 252 -12.00 -7.08 11.91
N ALA A 253 -12.17 -8.26 11.33
CA ALA A 253 -13.37 -8.53 10.54
C ALA A 253 -14.65 -8.36 11.38
N LYS A 254 -14.56 -8.53 12.70
CA LYS A 254 -15.70 -8.34 13.58
C LYS A 254 -15.75 -6.98 14.24
N SER A 255 -14.58 -6.39 14.54
CA SER A 255 -14.55 -5.14 15.28
C SER A 255 -14.76 -3.94 14.38
N LEU A 256 -14.37 -4.05 13.11
CA LEU A 256 -14.62 -2.94 12.18
C LEU A 256 -16.05 -3.01 11.66
N PRO A 257 -16.80 -1.92 11.74
CA PRO A 257 -18.16 -1.92 11.18
C PRO A 257 -18.14 -2.19 9.68
N ASN A 258 -19.16 -2.91 9.22
CA ASN A 258 -19.45 -3.05 7.79
CA ASN A 258 -19.44 -3.03 7.78
C ASN A 258 -18.25 -3.59 7.01
N CYS A 259 -17.61 -4.63 7.57
CA CYS A 259 -16.37 -5.20 7.06
C CYS A 259 -16.59 -6.61 6.52
N LYS A 260 -16.21 -6.82 5.27
CA LYS A 260 -16.14 -8.13 4.66
C LYS A 260 -14.67 -8.55 4.58
N ALA A 261 -14.39 -9.80 4.94
CA ALA A 261 -13.02 -10.29 4.95
C ALA A 261 -12.91 -11.45 3.99
N VAL A 262 -11.80 -11.52 3.24
CA VAL A 262 -11.61 -12.53 2.18
C VAL A 262 -10.27 -13.21 2.38
N ASP A 263 -10.29 -14.52 2.53
CA ASP A 263 -9.07 -15.32 2.70
C ASP A 263 -8.46 -15.57 1.32
N ILE A 264 -7.22 -15.14 1.08
CA ILE A 264 -6.63 -15.33 -0.25
C ILE A 264 -5.81 -16.61 -0.36
N GLY A 265 -5.71 -17.40 0.71
CA GLY A 265 -4.86 -18.57 0.73
C GLY A 265 -3.47 -18.21 1.26
N PRO A 266 -2.45 -18.93 0.81
CA PRO A 266 -1.08 -18.62 1.26
C PRO A 266 -0.66 -17.21 0.83
N GLY A 267 0.01 -16.52 1.73
CA GLY A 267 0.40 -15.16 1.44
C GLY A 267 1.24 -14.63 2.57
N LEU A 268 2.07 -13.64 2.23
CA LEU A 268 2.95 -13.00 3.19
C LEU A 268 2.61 -11.52 3.23
N ASN A 269 3.33 -10.68 2.51
CA ASN A 269 2.98 -9.26 2.47
C ASN A 269 2.39 -8.82 1.13
N LEU A 270 3.02 -9.14 0.00
CA LEU A 270 2.49 -8.74 -1.32
C LEU A 270 1.42 -9.74 -1.78
N LEU A 271 0.29 -9.71 -1.08
CA LEU A 271 -0.79 -10.64 -1.41
C LEU A 271 -1.17 -10.55 -2.88
N GLN A 272 -1.05 -9.36 -3.46
CA GLN A 272 -1.34 -9.14 -4.88
C GLN A 272 -0.53 -10.04 -5.78
N GLU A 273 0.68 -10.41 -5.36
CA GLU A 273 1.51 -11.24 -6.22
C GLU A 273 1.21 -12.73 -6.06
N ASP A 274 0.54 -13.13 -4.98
CA ASP A 274 0.21 -14.55 -4.81
C ASP A 274 -1.18 -14.92 -5.35
N ASN A 275 -2.16 -14.03 -5.28
CA ASN A 275 -3.51 -14.34 -5.78
C ASN A 275 -4.17 -13.09 -6.35
N PRO A 276 -3.63 -12.54 -7.44
CA PRO A 276 -4.22 -11.31 -8.01
C PRO A 276 -5.62 -11.51 -8.54
N ASP A 277 -5.94 -12.70 -9.07
CA ASP A 277 -7.25 -12.88 -9.70
C ASP A 277 -8.34 -12.88 -8.66
N LEU A 278 -8.10 -13.54 -7.50
CA LEU A 278 -9.10 -13.48 -6.43
C LEU A 278 -9.26 -12.06 -5.92
N ILE A 279 -8.16 -11.37 -5.63
CA ILE A 279 -8.27 -10.01 -5.10
C ILE A 279 -8.97 -9.09 -6.11
N GLY A 280 -8.55 -9.12 -7.38
CA GLY A 280 -9.18 -8.27 -8.38
C GLY A 280 -10.65 -8.59 -8.60
N SER A 281 -10.99 -9.88 -8.64
CA SER A 281 -12.38 -10.28 -8.87
C SER A 281 -13.26 -9.90 -7.68
N GLU A 282 -12.74 -10.07 -6.46
CA GLU A 282 -13.55 -9.74 -5.29
C GLU A 282 -13.73 -8.23 -5.16
N ILE A 283 -12.68 -7.45 -5.44
CA ILE A 283 -12.83 -5.99 -5.45
C ILE A 283 -13.90 -5.58 -6.47
N ALA A 284 -13.81 -6.10 -7.69
CA ALA A 284 -14.77 -5.66 -8.71
C ALA A 284 -16.20 -5.98 -8.30
N ARG A 285 -16.44 -7.18 -7.74
CA ARG A 285 -17.79 -7.58 -7.34
C ARG A 285 -18.26 -6.79 -6.12
N TRP A 286 -17.36 -6.57 -5.15
CA TRP A 286 -17.67 -5.73 -4.00
C TRP A 286 -18.04 -4.31 -4.42
N LEU A 287 -17.30 -3.73 -5.36
CA LEU A 287 -17.66 -2.41 -5.87
C LEU A 287 -19.10 -2.35 -6.34
N SER A 288 -19.55 -3.40 -7.03
CA SER A 288 -20.94 -3.46 -7.48
C SER A 288 -21.91 -3.40 -6.30
N THR A 289 -21.61 -4.12 -5.21
CA THR A 289 -22.52 -4.16 -4.06
C THR A 289 -22.61 -2.82 -3.34
N LEU A 290 -21.65 -1.92 -3.59
CA LEU A 290 -21.72 -0.60 -2.96
C LEU A 290 -22.87 0.22 -3.50
N GLU A 291 -23.37 -0.13 -4.68
CA GLU A 291 -24.50 0.56 -5.30
C GLU A 291 -25.86 -0.04 -4.93
N ILE A 292 -25.90 -1.03 -4.05
CA ILE A 292 -27.16 -1.69 -3.69
C ILE A 292 -27.61 -1.15 -2.33
N SER A 293 -28.79 -0.53 -2.32
CA SER A 293 -29.40 -0.01 -1.08
C SER A 293 -29.53 -1.11 -0.03
N GLY A 294 -30.30 -2.15 -0.32
CA GLY A 294 -30.43 -3.30 0.56
C GLY A 294 -31.78 -3.45 1.22
C3 TN9 B . 22.03 -9.31 7.91
C4 TN9 B . 20.78 -9.57 7.30
C6 TN9 B . 20.46 -9.67 5.81
C8 TN9 B . 22.07 -9.66 3.96
C9 TN9 B . 20.90 -11.67 4.50
C10 TN9 B . 23.46 -9.09 4.33
C11 TN9 B . 24.56 -8.81 3.42
C15 TN9 B . 19.44 -11.42 4.09
C19 TN9 B . 18.27 -11.92 4.71
C20 TN9 B . 15.79 -11.65 4.24
C21 TN9 B . 15.06 -10.35 3.91
C23 TN9 B . 13.47 -11.09 5.54
C24 TN9 B . 12.26 -10.49 6.19
C26 TN9 B . 9.93 -10.09 5.67
C27 TN9 B . 8.97 -9.97 4.45
C29 TN9 B . 7.82 -8.32 3.27
C30 TN9 B . 7.83 -6.80 3.11
C31 TN9 B . 7.16 -6.03 4.31
C32 TN9 B . 6.85 -4.61 3.85
C33 TN9 B . 6.61 -3.65 5.05
C34 TN9 B . 5.79 -4.31 6.10
N1 TN9 B . 20.54 -9.58 9.46
N2 TN9 B . 21.81 -9.33 9.26
N5 TN9 B . 19.89 -9.74 8.33
N7 TN9 B . 21.51 -10.45 5.06
N12 TN9 B . 25.56 -8.32 4.19
N13 TN9 B . 25.15 -8.27 5.46
N14 TN9 B . 23.91 -8.73 5.56
N16 TN9 B . 19.00 -10.65 3.03
N17 TN9 B . 17.70 -10.67 3.00
N18 TN9 B . 17.22 -11.42 3.98
O22 TN9 B . 14.20 -10.01 4.94
O25 TN9 B . 11.29 -10.17 5.19
O28 TN9 B . 8.51 -8.64 4.44
CL CL C . 8.64 -0.74 5.44
S SO4 D . -11.22 -16.03 -8.98
O1 SO4 D . -11.31 -15.53 -10.36
O2 SO4 D . -12.09 -17.20 -8.81
O3 SO4 D . -9.85 -16.42 -8.68
O4 SO4 D . -11.69 -15.01 -8.05
#